data_3E6J
#
_entry.id   3E6J
#
_cell.length_a   54.221
_cell.length_b   48.564
_cell.length_c   55.477
_cell.angle_alpha   90.00
_cell.angle_beta   116.51
_cell.angle_gamma   90.00
#
_symmetry.space_group_name_H-M   'P 1 21 1'
#
loop_
_entity.id
_entity.type
_entity.pdbx_description
1 polymer 'Variable lymphocyte receptor diversity region'
2 branched alpha-L-fucopyranose-(1-2)-beta-D-galactopyranose-(1-4)-2-acetamido-2-deoxy-beta-D-glucopyranose
3 non-polymer 'SULFATE ION'
4 non-polymer GLYCEROL
5 water water
#
_entity_poly.entity_id   1
_entity_poly.type   'polypeptide(L)'
_entity_poly.pdbx_seq_one_letter_code
;AMVHHHHHHSAACPSQCSCSGTTVDCRSKRHASVPAGIPTNAQILYLHDNQITKLEPGVFDSLINLKELYLGSNQLGALP
VGVFDSLTQLTVLDLGTNQLTVLPSAVFDRLVHLKELFMCCNKLTELPRGIERLTHLTHLALDQNQLKSIPHGAFDRLSS
LTHAYLFGNPWDCECRDIMYLRNWVADHTSIAMRWDGKAVNDPDSAKCAGTNTPVRAVTEASTSPSKCP
;
_entity_poly.pdbx_strand_id   A
#
# COMPACT_ATOMS: atom_id res chain seq x y z
N ALA A 11 -28.69 1.15 13.95
CA ALA A 11 -27.34 1.79 13.93
C ALA A 11 -27.31 3.13 13.22
N ALA A 12 -26.74 4.12 13.89
CA ALA A 12 -26.53 5.45 13.30
C ALA A 12 -25.77 5.17 12.03
N CYS A 13 -26.10 5.87 10.95
CA CYS A 13 -25.48 5.58 9.65
C CYS A 13 -25.64 6.70 8.63
N PRO A 14 -24.55 7.06 7.93
CA PRO A 14 -24.77 8.09 6.88
C PRO A 14 -25.59 7.60 5.71
N SER A 15 -26.14 8.55 4.96
CA SER A 15 -26.88 8.26 3.73
CA SER A 15 -26.90 8.20 3.77
C SER A 15 -25.96 7.50 2.79
N GLN A 16 -26.52 6.57 2.07
CA GLN A 16 -25.76 5.79 1.08
C GLN A 16 -24.66 4.97 1.73
N CYS A 17 -24.91 4.60 3.00
CA CYS A 17 -24.12 3.60 3.67
C CYS A 17 -25.04 2.63 4.41
N SER A 18 -24.49 1.48 4.70
CA SER A 18 -25.18 0.51 5.54
CA SER A 18 -25.15 0.44 5.49
C SER A 18 -24.28 0.19 6.72
N CYS A 19 -24.90 0.22 7.90
CA CYS A 19 -24.18 0.06 9.13
C CYS A 19 -24.81 -1.02 9.99
N SER A 20 -23.90 -1.71 10.66
CA SER A 20 -24.24 -2.79 11.57
C SER A 20 -23.13 -2.91 12.61
N GLY A 21 -23.49 -2.91 13.87
CA GLY A 21 -22.48 -3.03 14.92
C GLY A 21 -21.55 -1.85 14.80
N THR A 22 -20.26 -2.14 14.67
CA THR A 22 -19.27 -1.09 14.51
C THR A 22 -18.70 -1.05 13.10
N THR A 23 -19.46 -1.60 12.17
CA THR A 23 -19.10 -1.56 10.75
C THR A 23 -19.92 -0.55 9.99
N VAL A 24 -19.23 0.32 9.26
CA VAL A 24 -19.82 1.37 8.44
C VAL A 24 -19.43 1.06 6.98
N ASP A 25 -20.41 0.66 6.19
CA ASP A 25 -20.14 0.15 4.82
C ASP A 25 -20.70 1.06 3.78
N CYS A 26 -19.82 1.89 3.23
CA CYS A 26 -20.22 2.88 2.26
C CYS A 26 -19.70 2.51 0.91
N ARG A 27 -19.34 1.25 0.71
CA ARG A 27 -18.76 0.86 -0.58
C ARG A 27 -19.77 0.99 -1.71
N SER A 28 -19.28 1.42 -2.89
CA SER A 28 -20.01 1.26 -4.15
C SER A 28 -21.34 2.03 -4.14
N LYS A 29 -21.29 3.26 -3.64
CA LYS A 29 -22.49 4.07 -3.49
C LYS A 29 -22.35 5.50 -4.00
N ARG A 30 -21.41 5.66 -4.91
CA ARG A 30 -21.21 6.88 -5.71
C ARG A 30 -20.82 8.10 -4.88
N HIS A 31 -20.16 7.86 -3.76
CA HIS A 31 -19.75 8.97 -2.86
C HIS A 31 -18.73 9.83 -3.58
N ALA A 32 -18.99 11.12 -3.63
CA ALA A 32 -18.07 12.10 -4.25
C ALA A 32 -17.16 12.71 -3.18
N SER A 33 -17.47 12.41 -1.92
CA SER A 33 -16.74 12.92 -0.79
C SER A 33 -16.90 11.95 0.37
N VAL A 34 -16.05 12.04 1.37
CA VAL A 34 -16.25 11.20 2.56
C VAL A 34 -17.52 11.69 3.25
N PRO A 35 -18.43 10.77 3.61
CA PRO A 35 -19.67 11.13 4.28
C PRO A 35 -19.43 11.85 5.58
N ALA A 36 -20.34 12.78 5.86
CA ALA A 36 -20.33 13.50 7.11
C ALA A 36 -20.84 12.57 8.19
N GLY A 37 -20.43 12.81 9.42
CA GLY A 37 -21.04 12.12 10.55
C GLY A 37 -20.78 10.63 10.58
N ILE A 38 -19.57 10.23 10.22
CA ILE A 38 -19.25 8.81 10.35
C ILE A 38 -19.24 8.45 11.82
N PRO A 39 -20.03 7.45 12.21
CA PRO A 39 -20.17 7.14 13.64
C PRO A 39 -18.83 6.97 14.33
N THR A 40 -18.66 7.67 15.44
CA THR A 40 -17.33 7.75 16.07
C THR A 40 -16.87 6.42 16.70
N ASN A 41 -17.79 5.48 16.83
CA ASN A 41 -17.54 4.14 17.43
C ASN A 41 -17.11 3.12 16.35
N ALA A 42 -16.92 3.61 15.16
CA ALA A 42 -16.60 2.70 14.03
C ALA A 42 -15.27 1.96 14.19
N GLN A 43 -15.29 0.68 13.81
CA GLN A 43 -14.10 -0.19 13.81
C GLN A 43 -13.70 -0.63 12.39
N ILE A 44 -14.68 -0.75 11.51
CA ILE A 44 -14.43 -1.10 10.10
C ILE A 44 -15.13 -0.09 9.23
N LEU A 45 -14.35 0.56 8.36
CA LEU A 45 -14.90 1.58 7.48
C LEU A 45 -14.58 1.29 6.03
N TYR A 46 -15.63 0.94 5.27
CA TYR A 46 -15.52 0.69 3.84
C TYR A 46 -15.96 1.93 3.10
N LEU A 47 -14.99 2.56 2.43
CA LEU A 47 -15.22 3.71 1.56
C LEU A 47 -14.78 3.41 0.13
N HIS A 48 -14.50 2.15 -0.16
CA HIS A 48 -13.96 1.78 -1.47
C HIS A 48 -14.99 1.77 -2.58
N ASP A 49 -14.46 1.86 -3.80
CA ASP A 49 -15.29 1.88 -5.01
C ASP A 49 -16.29 3.02 -4.99
N ASN A 50 -15.77 4.22 -4.81
CA ASN A 50 -16.57 5.44 -4.87
C ASN A 50 -15.88 6.39 -5.82
N GLN A 51 -16.20 7.67 -5.70
CA GLN A 51 -15.62 8.70 -6.58
C GLN A 51 -15.04 9.82 -5.75
N ILE A 52 -14.45 9.45 -4.60
CA ILE A 52 -13.92 10.43 -3.65
C ILE A 52 -12.63 11.02 -4.21
N THR A 53 -12.64 12.34 -4.38
CA THR A 53 -11.54 13.01 -5.06
C THR A 53 -10.54 13.65 -4.10
N LYS A 54 -10.90 13.71 -2.83
CA LYS A 54 -9.97 14.21 -1.80
C LYS A 54 -10.41 13.85 -0.41
N LEU A 55 -9.45 13.93 0.51
CA LEU A 55 -9.67 13.78 1.93
C LEU A 55 -9.41 15.13 2.55
N GLU A 56 -10.38 15.57 3.35
CA GLU A 56 -10.25 16.83 4.11
C GLU A 56 -9.31 16.62 5.30
N PRO A 57 -8.39 17.56 5.55
CA PRO A 57 -7.63 17.40 6.80
C PRO A 57 -8.52 17.15 8.00
N GLY A 58 -8.12 16.15 8.76
CA GLY A 58 -8.74 15.81 10.03
C GLY A 58 -9.96 14.93 9.92
N VAL A 59 -10.27 14.48 8.71
CA VAL A 59 -11.53 13.75 8.49
C VAL A 59 -11.69 12.52 9.38
N PHE A 60 -10.58 11.84 9.68
CA PHE A 60 -10.67 10.57 10.45
C PHE A 60 -10.26 10.74 11.91
N ASP A 61 -10.03 11.98 12.33
CA ASP A 61 -9.41 12.21 13.63
C ASP A 61 -10.25 11.65 14.78
N SER A 62 -11.57 11.55 14.57
CA SER A 62 -12.48 11.10 15.65
C SER A 62 -12.61 9.59 15.74
N LEU A 63 -12.13 8.91 14.71
CA LEU A 63 -12.36 7.44 14.61
C LEU A 63 -11.32 6.62 15.33
N ILE A 64 -11.21 6.88 16.63
CA ILE A 64 -10.06 6.41 17.38
C ILE A 64 -10.04 4.89 17.57
N ASN A 65 -11.18 4.25 17.37
CA ASN A 65 -11.29 2.80 17.51
C ASN A 65 -11.13 2.06 16.19
N LEU A 66 -10.83 2.80 15.14
CA LEU A 66 -10.82 2.18 13.82
C LEU A 66 -9.74 1.12 13.69
N LYS A 67 -10.11 -0.03 13.13
CA LYS A 67 -9.21 -1.18 12.91
C LYS A 67 -8.93 -1.42 11.42
N GLU A 68 -9.92 -1.14 10.60
CA GLU A 68 -9.78 -1.42 9.14
C GLU A 68 -10.33 -0.26 8.35
N LEU A 69 -9.54 0.27 7.43
CA LEU A 69 -9.95 1.42 6.59
C LEU A 69 -9.67 1.08 5.13
N TYR A 70 -10.73 1.08 4.34
CA TYR A 70 -10.70 0.80 2.88
C TYR A 70 -11.10 1.99 2.03
N LEU A 71 -10.10 2.49 1.34
CA LEU A 71 -10.23 3.68 0.51
C LEU A 71 -9.88 3.39 -0.94
N GLY A 72 -9.79 2.11 -1.26
CA GLY A 72 -9.45 1.66 -2.63
C GLY A 72 -10.44 2.11 -3.67
N SER A 73 -9.94 2.21 -4.92
CA SER A 73 -10.81 2.52 -6.06
C SER A 73 -11.62 3.81 -5.85
N ASN A 74 -10.85 4.85 -5.57
CA ASN A 74 -11.34 6.21 -5.54
C ASN A 74 -10.45 7.07 -6.44
N GLN A 75 -10.46 8.37 -6.21
CA GLN A 75 -9.69 9.32 -7.07
C GLN A 75 -8.76 10.22 -6.26
N LEU A 76 -8.18 9.64 -5.22
CA LEU A 76 -7.30 10.41 -4.30
C LEU A 76 -5.97 10.71 -4.94
N GLY A 77 -5.56 11.98 -4.88
CA GLY A 77 -4.24 12.40 -5.38
C GLY A 77 -3.23 12.78 -4.32
N ALA A 78 -3.74 12.91 -3.09
CA ALA A 78 -2.90 13.27 -1.96
C ALA A 78 -3.53 12.80 -0.66
N LEU A 79 -2.67 12.65 0.35
CA LEU A 79 -3.14 12.44 1.70
C LEU A 79 -2.77 13.64 2.54
N PRO A 80 -3.72 14.22 3.29
CA PRO A 80 -3.39 15.28 4.24
C PRO A 80 -2.33 14.85 5.23
N VAL A 81 -1.48 15.79 5.58
CA VAL A 81 -0.50 15.56 6.64
C VAL A 81 -1.20 15.04 7.88
N GLY A 82 -0.71 13.93 8.38
CA GLY A 82 -1.25 13.32 9.61
C GLY A 82 -2.66 12.76 9.56
N VAL A 83 -3.13 12.47 8.36
CA VAL A 83 -4.53 12.05 8.20
C VAL A 83 -4.91 10.80 8.97
N PHE A 84 -3.94 9.91 9.21
CA PHE A 84 -4.21 8.65 9.89
C PHE A 84 -3.70 8.64 11.33
N ASP A 85 -3.28 9.79 11.84
CA ASP A 85 -2.54 9.83 13.12
C ASP A 85 -3.36 9.32 14.31
N SER A 86 -4.68 9.50 14.24
CA SER A 86 -5.53 9.08 15.33
C SER A 86 -5.78 7.59 15.34
N LEU A 87 -5.45 6.94 14.24
CA LEU A 87 -5.88 5.57 13.96
C LEU A 87 -4.85 4.56 14.49
N THR A 88 -4.56 4.68 15.79
CA THR A 88 -3.48 3.87 16.38
C THR A 88 -3.81 2.38 16.50
N GLN A 89 -5.09 2.02 16.29
CA GLN A 89 -5.53 0.61 16.38
C GLN A 89 -5.66 -0.04 15.00
N LEU A 90 -5.32 0.73 14.00
CA LEU A 90 -5.50 0.30 12.62
C LEU A 90 -4.57 -0.87 12.28
N THR A 91 -5.16 -1.95 11.78
CA THR A 91 -4.44 -3.13 11.29
C THR A 91 -4.50 -3.31 9.79
N VAL A 92 -5.48 -2.70 9.15
CA VAL A 92 -5.62 -2.79 7.67
C VAL A 92 -5.87 -1.43 7.04
N LEU A 93 -5.06 -1.08 6.04
CA LEU A 93 -5.22 0.17 5.31
C LEU A 93 -5.07 -0.10 3.83
N ASP A 94 -6.12 0.21 3.06
CA ASP A 94 -6.12 -0.05 1.59
C ASP A 94 -6.29 1.27 0.87
N LEU A 95 -5.27 1.62 0.12
CA LEU A 95 -5.22 2.83 -0.71
C LEU A 95 -5.09 2.48 -2.17
N GLY A 96 -5.28 1.22 -2.50
CA GLY A 96 -5.09 0.77 -3.87
C GLY A 96 -6.03 1.42 -4.87
N THR A 97 -5.56 1.55 -6.11
CA THR A 97 -6.40 2.08 -7.20
C THR A 97 -6.92 3.49 -6.87
N ASN A 98 -5.93 4.36 -6.73
CA ASN A 98 -6.16 5.79 -6.64
C ASN A 98 -5.19 6.49 -7.57
N GLN A 99 -4.91 7.75 -7.25
CA GLN A 99 -3.98 8.54 -8.10
C GLN A 99 -2.83 9.15 -7.30
N LEU A 100 -2.36 8.40 -6.32
CA LEU A 100 -1.32 8.88 -5.38
C LEU A 100 0.03 8.89 -6.05
N THR A 101 0.78 9.95 -5.79
CA THR A 101 2.12 10.11 -6.34
C THR A 101 3.19 10.07 -5.26
N VAL A 102 3.12 11.05 -4.35
CA VAL A 102 3.99 11.13 -3.18
C VAL A 102 3.15 11.23 -1.92
N LEU A 103 3.55 10.49 -0.89
CA LEU A 103 2.85 10.53 0.38
C LEU A 103 3.56 11.39 1.44
N PRO A 104 2.82 11.93 2.42
CA PRO A 104 3.56 12.63 3.47
C PRO A 104 4.57 11.75 4.21
N SER A 105 5.73 12.31 4.53
CA SER A 105 6.84 11.52 5.01
C SER A 105 6.48 10.77 6.27
N ALA A 106 5.68 11.41 7.13
CA ALA A 106 5.40 10.85 8.46
C ALA A 106 4.08 10.14 8.56
N VAL A 107 3.44 9.90 7.41
CA VAL A 107 2.04 9.49 7.41
C VAL A 107 1.80 8.13 8.14
N PHE A 108 2.84 7.30 8.16
CA PHE A 108 2.76 5.97 8.81
C PHE A 108 3.35 5.91 10.21
N ASP A 109 3.75 7.06 10.72
CA ASP A 109 4.58 7.09 11.97
C ASP A 109 3.86 6.59 13.22
N ARG A 110 2.53 6.73 13.25
CA ARG A 110 1.73 6.28 14.42
C ARG A 110 1.03 4.95 14.20
N LEU A 111 1.35 4.31 13.08
CA LEU A 111 0.59 3.14 12.62
CA LEU A 111 0.57 3.13 12.64
C LEU A 111 1.33 1.81 12.81
N VAL A 112 2.04 1.70 13.92
CA VAL A 112 2.84 0.50 14.16
C VAL A 112 1.98 -0.76 14.26
N HIS A 113 0.68 -0.62 14.53
CA HIS A 113 -0.16 -1.81 14.68
C HIS A 113 -0.55 -2.39 13.30
N LEU A 114 -0.20 -1.69 12.24
CA LEU A 114 -0.63 -2.08 10.91
CA LEU A 114 -0.62 -2.10 10.88
C LEU A 114 -0.04 -3.44 10.53
N LYS A 115 -0.91 -4.28 9.98
CA LYS A 115 -0.53 -5.62 9.51
C LYS A 115 -0.69 -5.76 8.01
N GLU A 116 -1.60 -5.00 7.42
CA GLU A 116 -1.89 -5.08 5.97
C GLU A 116 -1.94 -3.70 5.37
N LEU A 117 -1.05 -3.46 4.40
CA LEU A 117 -0.98 -2.17 3.73
C LEU A 117 -0.96 -2.38 2.22
N PHE A 118 -1.99 -1.87 1.56
CA PHE A 118 -2.21 -2.10 0.14
C PHE A 118 -2.19 -0.78 -0.62
N MET A 119 -1.31 -0.68 -1.58
CA MET A 119 -1.13 0.55 -2.35
CA MET A 119 -1.26 0.55 -2.38
C MET A 119 -0.93 0.33 -3.85
N CYS A 120 -1.48 -0.73 -4.39
CA CYS A 120 -1.32 -0.98 -5.84
C CYS A 120 -1.93 0.10 -6.66
N CYS A 121 -1.55 0.13 -7.93
CA CYS A 121 -2.35 0.79 -8.93
C CYS A 121 -2.49 2.27 -8.60
N ASN A 122 -1.37 2.84 -8.17
CA ASN A 122 -1.23 4.29 -8.02
C ASN A 122 -0.17 4.80 -8.99
N LYS A 123 0.41 5.96 -8.69
CA LYS A 123 1.50 6.49 -9.52
C LYS A 123 2.80 6.68 -8.75
N LEU A 124 3.00 5.80 -7.78
CA LEU A 124 4.18 5.84 -6.90
C LEU A 124 5.46 5.60 -7.69
N THR A 125 6.47 6.43 -7.44
CA THR A 125 7.75 6.25 -8.10
C THR A 125 8.90 5.89 -7.17
N GLU A 126 8.62 5.89 -5.87
CA GLU A 126 9.56 5.49 -4.80
C GLU A 126 8.74 4.77 -3.73
N LEU A 127 9.40 3.90 -2.99
CA LEU A 127 8.79 3.30 -1.81
C LEU A 127 8.48 4.43 -0.82
N PRO A 128 7.22 4.55 -0.38
CA PRO A 128 6.95 5.60 0.60
C PRO A 128 7.78 5.49 1.85
N ARG A 129 8.17 6.65 2.35
CA ARG A 129 8.86 6.76 3.64
C ARG A 129 7.99 6.24 4.79
N GLY A 130 8.61 5.54 5.72
CA GLY A 130 7.97 5.09 6.92
C GLY A 130 7.56 3.64 6.92
N ILE A 131 7.34 3.13 5.72
CA ILE A 131 6.90 1.74 5.56
C ILE A 131 7.93 0.79 6.17
N GLU A 132 9.20 1.17 6.06
CA GLU A 132 10.27 0.32 6.57
C GLU A 132 10.23 0.14 8.08
N ARG A 133 9.47 0.99 8.77
CA ARG A 133 9.33 0.91 10.22
C ARG A 133 8.10 0.18 10.71
N LEU A 134 7.28 -0.27 9.76
CA LEU A 134 6.01 -0.95 10.10
C LEU A 134 6.26 -2.46 10.31
N THR A 135 6.85 -2.72 11.46
CA THR A 135 7.42 -4.04 11.71
C THR A 135 6.42 -5.14 11.81
N HIS A 136 5.14 -4.81 11.91
CA HIS A 136 4.13 -5.86 12.03
C HIS A 136 3.47 -6.28 10.75
N LEU A 137 3.88 -5.69 9.62
CA LEU A 137 3.22 -5.98 8.35
C LEU A 137 3.29 -7.47 8.04
N THR A 138 2.13 -8.05 7.69
CA THR A 138 2.10 -9.36 7.05
C THR A 138 1.82 -9.26 5.55
N HIS A 139 1.14 -8.19 5.15
CA HIS A 139 0.82 -8.01 3.74
C HIS A 139 1.20 -6.60 3.27
N LEU A 140 1.89 -6.53 2.13
CA LEU A 140 2.31 -5.25 1.57
C LEU A 140 2.19 -5.33 0.04
N ALA A 141 1.31 -4.49 -0.53
CA ALA A 141 1.06 -4.50 -1.96
C ALA A 141 1.52 -3.21 -2.62
N LEU A 142 2.49 -3.35 -3.48
CA LEU A 142 3.07 -2.22 -4.25
C LEU A 142 2.96 -2.40 -5.74
N ASP A 143 2.18 -3.39 -6.17
CA ASP A 143 2.05 -3.71 -7.60
C ASP A 143 1.48 -2.59 -8.45
N GLN A 144 1.92 -2.58 -9.70
CA GLN A 144 1.30 -1.72 -10.73
C GLN A 144 1.41 -0.26 -10.38
N ASN A 145 2.61 0.08 -9.91
CA ASN A 145 3.03 1.46 -9.73
C ASN A 145 4.11 1.80 -10.74
N GLN A 146 4.95 2.76 -10.37
CA GLN A 146 6.07 3.19 -11.24
C GLN A 146 7.42 3.05 -10.54
N LEU A 147 7.50 2.05 -9.69
CA LEU A 147 8.75 1.84 -8.92
C LEU A 147 9.85 1.27 -9.81
N LYS A 148 11.06 1.78 -9.59
CA LYS A 148 12.25 1.35 -10.31
C LYS A 148 13.23 0.56 -9.44
N SER A 149 13.16 0.77 -8.14
CA SER A 149 13.98 0.03 -7.18
CA SER A 149 14.06 0.14 -7.18
C SER A 149 13.43 0.14 -5.76
N ILE A 150 14.03 -0.63 -4.87
CA ILE A 150 13.72 -0.56 -3.43
C ILE A 150 14.98 -0.16 -2.68
N PRO A 151 14.89 0.87 -1.81
CA PRO A 151 16.10 1.30 -1.10
C PRO A 151 16.71 0.18 -0.24
N HIS A 152 18.02 0.23 -0.14
CA HIS A 152 18.76 -0.81 0.53
C HIS A 152 18.27 -0.93 1.93
N GLY A 153 17.90 -2.16 2.29
CA GLY A 153 17.53 -2.51 3.66
C GLY A 153 16.07 -2.27 3.99
N ALA A 154 15.30 -1.76 3.02
CA ALA A 154 13.97 -1.21 3.37
C ALA A 154 13.00 -2.28 3.86
N PHE A 155 13.28 -3.55 3.54
CA PHE A 155 12.37 -4.65 3.90
C PHE A 155 12.94 -5.46 5.07
N ASP A 156 14.09 -5.02 5.56
CA ASP A 156 14.89 -5.86 6.48
C ASP A 156 14.19 -6.14 7.80
N ARG A 157 13.35 -5.19 8.20
CA ARG A 157 12.68 -5.35 9.48
C ARG A 157 11.20 -5.73 9.37
N LEU A 158 10.82 -6.09 8.15
CA LEU A 158 9.46 -6.53 7.86
C LEU A 158 9.44 -8.04 7.95
N SER A 159 9.78 -8.51 9.14
CA SER A 159 10.06 -9.93 9.34
C SER A 159 8.81 -10.79 9.52
N SER A 160 7.66 -10.15 9.50
CA SER A 160 6.39 -10.90 9.62
C SER A 160 5.70 -11.02 8.27
N LEU A 161 6.33 -10.50 7.21
CA LEU A 161 5.65 -10.53 5.90
C LEU A 161 5.41 -11.92 5.42
N THR A 162 4.19 -12.12 4.92
CA THR A 162 3.81 -13.34 4.21
C THR A 162 3.37 -13.14 2.76
N HIS A 163 3.02 -11.91 2.42
CA HIS A 163 2.53 -11.54 1.11
C HIS A 163 3.12 -10.19 0.71
N ALA A 164 3.94 -10.22 -0.31
CA ALA A 164 4.51 -9.05 -0.94
C ALA A 164 4.22 -9.03 -2.44
N TYR A 165 3.48 -8.02 -2.88
CA TYR A 165 3.14 -7.87 -4.27
C TYR A 165 3.98 -6.76 -4.91
N LEU A 166 4.78 -7.17 -5.90
CA LEU A 166 5.79 -6.29 -6.52
C LEU A 166 5.72 -6.22 -8.04
N PHE A 167 4.87 -7.06 -8.62
CA PHE A 167 4.66 -7.09 -10.07
C PHE A 167 4.13 -5.78 -10.64
N GLY A 168 4.19 -5.68 -11.94
CA GLY A 168 3.68 -4.51 -12.63
C GLY A 168 4.40 -3.21 -12.40
N ASN A 169 5.63 -3.31 -11.93
CA ASN A 169 6.52 -2.15 -11.84
C ASN A 169 7.69 -2.22 -12.82
N PRO A 170 8.14 -1.08 -13.33
CA PRO A 170 9.24 -1.05 -14.28
C PRO A 170 10.60 -1.05 -13.59
N TRP A 171 10.85 -2.15 -12.95
CA TRP A 171 12.11 -2.32 -12.19
C TRP A 171 13.31 -2.10 -13.09
N ASP A 172 14.23 -1.26 -12.63
CA ASP A 172 15.39 -0.88 -13.45
C ASP A 172 16.53 -1.82 -13.15
N CYS A 173 16.63 -2.87 -13.95
CA CYS A 173 17.64 -3.92 -13.70
C CYS A 173 19.04 -3.62 -14.21
N GLU A 174 19.23 -2.44 -14.80
CA GLU A 174 20.58 -2.03 -15.25
C GLU A 174 21.37 -1.41 -14.10
N CYS A 175 20.63 -0.77 -13.20
CA CYS A 175 21.18 -0.03 -12.06
C CYS A 175 21.52 -0.97 -10.92
N ARG A 176 22.71 -0.80 -10.36
CA ARG A 176 23.20 -1.66 -9.29
C ARG A 176 22.32 -1.59 -8.05
N ASP A 177 21.57 -0.52 -7.93
CA ASP A 177 20.65 -0.36 -6.78
C ASP A 177 19.55 -1.43 -6.77
N ILE A 178 19.32 -2.07 -7.91
CA ILE A 178 18.33 -3.15 -7.98
C ILE A 178 18.73 -4.37 -7.21
N MET A 179 20.01 -4.50 -6.87
CA MET A 179 20.52 -5.75 -6.27
C MET A 179 19.89 -6.03 -4.91
N TYR A 180 19.49 -4.97 -4.19
CA TYR A 180 18.84 -5.20 -2.90
C TYR A 180 17.55 -6.00 -3.13
N LEU A 181 16.75 -5.54 -4.08
CA LEU A 181 15.46 -6.21 -4.38
C LEU A 181 15.67 -7.59 -5.01
N ARG A 182 16.65 -7.63 -5.90
CA ARG A 182 17.03 -8.91 -6.52
C ARG A 182 17.30 -9.95 -5.45
N ASN A 183 18.19 -9.58 -4.55
CA ASN A 183 18.59 -10.52 -3.50
C ASN A 183 17.43 -10.82 -2.57
N TRP A 184 16.64 -9.81 -2.26
CA TRP A 184 15.50 -9.96 -1.35
C TRP A 184 14.48 -10.93 -1.93
N VAL A 185 14.13 -10.72 -3.18
CA VAL A 185 13.16 -11.68 -3.83
C VAL A 185 13.73 -13.11 -3.89
N ALA A 186 14.99 -13.22 -4.30
CA ALA A 186 15.72 -14.51 -4.37
C ALA A 186 15.67 -15.24 -3.03
N ASP A 187 15.75 -14.46 -1.96
CA ASP A 187 15.94 -14.98 -0.62
C ASP A 187 14.61 -15.18 0.12
N HIS A 188 13.53 -14.71 -0.48
CA HIS A 188 12.17 -14.73 0.13
C HIS A 188 11.12 -15.17 -0.90
N THR A 189 11.44 -16.26 -1.56
CA THR A 189 10.61 -16.67 -2.70
CA THR A 189 10.64 -16.72 -2.69
C THR A 189 9.19 -17.02 -2.30
N SER A 190 9.01 -17.48 -1.08
CA SER A 190 7.68 -17.96 -0.59
C SER A 190 6.70 -16.80 -0.34
N ILE A 191 7.22 -15.56 -0.31
CA ILE A 191 6.30 -14.46 0.05
CA ILE A 191 6.50 -14.33 0.10
C ILE A 191 5.98 -13.55 -1.11
N ALA A 192 6.65 -13.75 -2.23
CA ALA A 192 6.40 -12.96 -3.43
C ALA A 192 5.14 -13.46 -4.13
N MET A 193 4.20 -12.55 -4.33
CA MET A 193 2.87 -12.90 -4.82
C MET A 193 2.49 -12.14 -6.07
N ARG A 194 1.82 -12.83 -6.98
CA ARG A 194 1.16 -12.20 -8.12
C ARG A 194 -0.34 -12.27 -7.85
N TRP A 195 -1.12 -11.69 -8.75
CA TRP A 195 -2.57 -11.64 -8.60
C TRP A 195 -3.33 -12.21 -9.77
N ASP A 196 -3.88 -13.40 -9.55
CA ASP A 196 -4.66 -14.09 -10.60
C ASP A 196 -6.13 -14.02 -10.16
N GLY A 197 -6.56 -12.84 -9.76
CA GLY A 197 -7.86 -12.65 -9.12
C GLY A 197 -7.86 -13.13 -7.69
N LYS A 198 -6.66 -13.56 -7.29
CA LYS A 198 -6.33 -14.07 -5.94
C LYS A 198 -4.80 -14.08 -5.80
N ALA A 199 -4.34 -14.16 -4.57
CA ALA A 199 -2.91 -14.24 -4.28
C ALA A 199 -2.40 -15.55 -4.80
N VAL A 200 -1.37 -15.48 -5.61
CA VAL A 200 -0.66 -16.68 -6.07
C VAL A 200 0.84 -16.48 -5.89
N ASN A 201 1.49 -17.40 -5.20
CA ASN A 201 2.94 -17.29 -5.00
C ASN A 201 3.68 -17.43 -6.29
N ASP A 202 4.50 -16.44 -6.62
CA ASP A 202 5.27 -16.47 -7.85
C ASP A 202 6.44 -15.51 -7.78
N PRO A 203 7.65 -16.02 -7.49
CA PRO A 203 8.78 -15.13 -7.31
C PRO A 203 9.37 -14.62 -8.61
N ASP A 204 8.80 -15.04 -9.73
CA ASP A 204 9.22 -14.50 -11.03
C ASP A 204 8.36 -13.33 -11.48
N SER A 205 7.42 -12.94 -10.63
CA SER A 205 6.43 -11.97 -11.03
C SER A 205 6.97 -10.55 -11.07
N ALA A 206 7.99 -10.25 -10.24
CA ALA A 206 8.71 -8.95 -10.37
C ALA A 206 9.64 -9.06 -11.56
N LYS A 207 9.43 -8.20 -12.55
CA LYS A 207 10.13 -8.31 -13.82
C LYS A 207 10.86 -7.03 -14.15
N CYS A 208 11.98 -7.20 -14.80
CA CYS A 208 12.79 -6.07 -15.32
C CYS A 208 12.09 -5.31 -16.43
N ALA A 209 12.17 -3.99 -16.32
CA ALA A 209 11.66 -3.11 -17.35
C ALA A 209 12.39 -3.47 -18.66
N GLY A 210 11.62 -3.51 -19.72
CA GLY A 210 12.17 -3.68 -21.06
C GLY A 210 12.45 -5.12 -21.46
N THR A 211 13.17 -5.85 -20.60
CA THR A 211 13.54 -7.24 -20.90
C THR A 211 12.48 -8.21 -20.39
N ASN A 212 11.72 -7.77 -19.40
CA ASN A 212 10.64 -8.58 -18.87
C ASN A 212 11.09 -9.98 -18.39
N THR A 213 12.38 -10.03 -18.07
CA THR A 213 13.13 -11.06 -17.28
C THR A 213 12.88 -10.92 -15.77
N PRO A 214 12.86 -12.03 -14.99
CA PRO A 214 12.63 -11.84 -13.54
C PRO A 214 13.75 -11.13 -12.81
N VAL A 215 13.33 -10.18 -11.97
CA VAL A 215 14.27 -9.38 -11.18
C VAL A 215 15.19 -10.32 -10.38
N ARG A 216 14.62 -11.38 -9.80
CA ARG A 216 15.43 -12.25 -8.92
C ARG A 216 16.59 -12.94 -9.62
N ALA A 217 16.53 -13.01 -10.95
CA ALA A 217 17.51 -13.74 -11.75
C ALA A 217 18.66 -12.85 -12.20
N VAL A 218 18.51 -11.57 -11.90
CA VAL A 218 19.54 -10.58 -12.35
C VAL A 218 20.89 -10.86 -11.69
N THR A 219 21.94 -10.87 -12.49
CA THR A 219 23.28 -11.10 -11.96
C THR A 219 23.91 -9.77 -11.56
N GLU A 220 24.68 -9.78 -10.49
CA GLU A 220 25.35 -8.56 -10.05
C GLU A 220 26.14 -7.95 -11.20
N ALA A 221 26.83 -8.81 -11.95
CA ALA A 221 27.75 -8.33 -12.97
C ALA A 221 27.06 -7.63 -14.12
N SER A 222 25.77 -7.94 -14.30
CA SER A 222 24.96 -7.34 -15.37
C SER A 222 24.45 -5.94 -14.99
N THR A 223 24.67 -5.57 -13.73
CA THR A 223 24.27 -4.26 -13.20
C THR A 223 25.50 -3.37 -13.02
N SER A 224 25.22 -2.08 -12.88
CA SER A 224 26.31 -1.09 -12.75
C SER A 224 25.93 0.11 -11.91
N PRO A 225 26.82 0.57 -11.03
CA PRO A 225 26.52 1.73 -10.21
C PRO A 225 26.59 3.04 -11.00
N SER A 226 27.05 2.96 -12.24
CA SER A 226 27.04 4.13 -13.14
C SER A 226 25.81 4.21 -14.00
N LYS A 227 24.82 3.36 -13.73
CA LYS A 227 23.60 3.35 -14.53
C LYS A 227 22.38 3.65 -13.68
N CYS A 228 22.59 4.55 -12.74
CA CYS A 228 21.57 4.90 -11.76
C CYS A 228 21.21 6.37 -11.84
N PRO A 229 20.32 6.74 -12.77
N PRO A 229 20.39 6.75 -12.84
CA PRO A 229 19.91 8.15 -12.84
CA PRO A 229 20.06 8.16 -13.02
C PRO A 229 19.43 8.70 -11.50
C PRO A 229 18.96 8.69 -12.11
#